data_4O26
#
_entry.id   4O26
#
_cell.length_a   118.092
_cell.length_b   118.092
_cell.length_c   358.021
_cell.angle_alpha   90.000
_cell.angle_beta   90.000
_cell.angle_gamma   120.000
#
_symmetry.space_group_name_H-M   'P 62 2 2'
#
loop_
_entity.id
_entity.type
_entity.pdbx_description
1 polymer 'Telomerase reverse transcriptase'
2 polymer 'Telomerase TR'
3 non-polymer 'SULFATE ION'
4 water water
#
loop_
_entity_poly.entity_id
_entity_poly.type
_entity_poly.pdbx_seq_one_letter_code
_entity_poly.pdbx_strand_id
1 'polypeptide(L)'
;GSGFLYGGRGMHGFCLNRKRRTAAGPRRLQGQDLVRLVFFEGLPYLNGQERKPKKLPLRYFNMVPVFGRLLQRHRKCRYS
SVLHRMCPVVELSRAAQGELSSLIPQHCAPHRVYLFVRECLTAVVPEELWGSDHNRLQFFSRVRGFLKSGKFERISVAEL
MWKIKVMDCDWLKLRRTAGRFPPSELAYRTRILSQFLTWLLDGFVVGLVRACFYATESVGQKNAIRFYRQEVWSKLQDLA
FRRHIAKGEMEELSPAQ
;
A,B
2 'polyribonucleotide' GGAACGCCGCGGUCAGCUCGGCUGCUGCGAAGAGUUCGUCUCUGUUGUUCC E,F
#
# COMPACT_ATOMS: atom_id res chain seq x y z
N GLY A 1 17.04 14.50 8.35
CA GLY A 1 16.90 14.25 6.92
C GLY A 1 15.43 14.11 6.55
N SER A 2 15.05 12.91 6.13
CA SER A 2 13.63 12.58 5.96
C SER A 2 13.39 11.07 5.99
N GLY A 3 14.12 10.40 6.87
CA GLY A 3 13.86 9.01 7.19
C GLY A 3 13.12 8.97 8.49
N PHE A 4 12.71 7.78 8.93
CA PHE A 4 12.00 7.65 10.20
C PHE A 4 12.63 6.64 11.13
N LEU A 5 13.96 6.55 11.10
CA LEU A 5 14.67 5.55 11.89
C LEU A 5 15.21 6.12 13.18
N TYR A 6 15.41 5.23 14.16
CA TYR A 6 16.28 5.47 15.29
C TYR A 6 15.79 6.49 16.29
N GLY A 7 14.48 6.56 16.46
CA GLY A 7 13.97 7.22 17.62
C GLY A 7 12.52 6.94 17.91
N GLY A 8 12.22 6.53 19.13
CA GLY A 8 10.86 6.67 19.65
C GLY A 8 10.74 7.43 20.97
N ARG A 9 11.29 8.64 21.05
CA ARG A 9 11.27 9.37 22.32
C ARG A 9 9.94 10.04 22.63
N GLY A 10 8.92 9.78 21.84
CA GLY A 10 7.60 10.28 22.18
C GLY A 10 7.01 11.41 21.35
N MET A 11 5.71 11.60 21.54
CA MET A 11 4.89 12.49 20.75
C MET A 11 5.15 13.98 21.06
N HIS A 12 5.98 14.24 22.07
CA HIS A 12 6.33 15.62 22.35
C HIS A 12 7.18 16.21 21.26
N GLY A 13 7.76 15.36 20.43
CA GLY A 13 8.60 15.81 19.34
C GLY A 13 7.84 16.09 18.07
N PHE A 14 6.62 15.60 18.01
CA PHE A 14 5.81 15.66 16.78
C PHE A 14 5.61 17.12 16.31
N CYS A 15 5.69 17.33 14.99
CA CYS A 15 5.61 18.67 14.41
C CYS A 15 4.39 19.43 14.85
N LEU A 16 3.24 18.77 14.84
CA LEU A 16 1.99 19.44 15.18
C LEU A 16 1.92 19.88 16.65
N ASN A 17 2.93 19.55 17.44
CA ASN A 17 2.96 19.91 18.86
C ASN A 17 4.03 20.93 19.18
N ARG A 18 4.67 21.47 18.15
CA ARG A 18 5.61 22.57 18.34
C ARG A 18 4.81 23.82 18.66
N LYS A 19 5.42 24.74 19.41
CA LYS A 19 4.78 26.03 19.74
C LYS A 19 5.36 27.15 18.89
N ARG A 20 4.53 28.12 18.54
CA ARG A 20 4.96 29.27 17.74
C ARG A 20 5.74 30.28 18.58
N ARG A 21 6.56 31.08 17.88
CA ARG A 21 7.53 32.01 18.48
C ARG A 21 7.05 32.84 19.66
N THR A 22 7.65 32.59 20.81
CA THR A 22 7.19 33.15 22.08
C THR A 22 7.25 34.68 22.18
N ALA A 23 6.41 35.37 21.41
CA ALA A 23 6.27 36.82 21.58
C ALA A 23 5.31 37.07 22.72
N ALA A 24 5.87 37.18 23.94
CA ALA A 24 5.12 37.22 25.20
C ALA A 24 4.49 35.88 25.57
N GLY A 25 5.29 34.82 25.49
CA GLY A 25 4.83 33.48 25.78
C GLY A 25 4.72 32.66 24.50
N PRO A 26 4.93 31.32 24.61
CA PRO A 26 4.84 30.41 23.46
C PRO A 26 3.43 29.88 23.27
N ARG A 27 2.86 30.08 22.08
CA ARG A 27 1.48 29.66 21.85
C ARG A 27 1.33 28.48 20.87
N ARG A 28 0.22 27.76 20.97
CA ARG A 28 0.03 26.59 20.13
C ARG A 28 -0.31 27.01 18.71
N LEU A 29 0.10 26.20 17.74
CA LEU A 29 -0.07 26.51 16.33
C LEU A 29 -1.50 26.86 15.94
N GLN A 30 -1.60 27.86 15.07
CA GLN A 30 -2.86 28.24 14.48
C GLN A 30 -2.89 27.75 13.05
N GLY A 31 -4.09 27.66 12.48
CA GLY A 31 -4.24 27.33 11.07
C GLY A 31 -3.21 28.05 10.22
N GLN A 32 -3.09 29.36 10.39
CA GLN A 32 -2.17 30.16 9.59
C GLN A 32 -0.72 29.67 9.71
N ASP A 33 -0.35 29.16 10.88
CA ASP A 33 1.00 28.63 11.05
C ASP A 33 1.20 27.33 10.27
N LEU A 34 0.22 26.43 10.32
CA LEU A 34 0.29 25.18 9.58
C LEU A 34 0.33 25.43 8.07
N VAL A 35 -0.54 26.33 7.61
CA VAL A 35 -0.52 26.76 6.21
C VAL A 35 0.88 27.21 5.80
N ARG A 36 1.55 27.98 6.66
CA ARG A 36 2.87 28.48 6.35
C ARG A 36 3.90 27.38 6.37
N LEU A 37 3.64 26.35 7.17
CA LEU A 37 4.54 25.22 7.28
C LEU A 37 4.46 24.29 6.06
N VAL A 38 3.32 24.29 5.40
CA VAL A 38 3.09 23.40 4.28
C VAL A 38 3.48 24.01 2.94
N PHE A 39 3.23 25.30 2.77
CA PHE A 39 3.35 25.93 1.44
C PHE A 39 4.48 26.95 1.32
N PHE A 40 5.02 27.38 2.45
CA PHE A 40 6.16 28.29 2.49
C PHE A 40 7.21 27.64 3.41
N GLU A 41 7.80 28.37 4.35
CA GLU A 41 8.64 27.69 5.34
C GLU A 41 8.48 28.21 6.78
N GLY A 42 8.09 27.31 7.69
CA GLY A 42 7.81 27.67 9.07
C GLY A 42 8.98 27.51 10.02
N LEU A 43 9.41 28.62 10.60
CA LEU A 43 10.58 28.64 11.48
C LEU A 43 10.24 29.29 12.82
N LYS A 52 7.25 32.55 7.19
CA LYS A 52 6.81 33.74 6.46
C LYS A 52 6.24 34.82 7.37
N PRO A 53 7.02 35.87 7.63
CA PRO A 53 6.52 36.99 8.45
C PRO A 53 5.43 37.78 7.74
N LYS A 54 5.52 37.89 6.42
CA LYS A 54 4.55 38.67 5.64
C LYS A 54 3.20 37.99 5.63
N LYS A 55 2.18 38.68 5.13
CA LYS A 55 0.84 38.12 5.09
C LYS A 55 0.65 37.06 4.02
N LEU A 56 -0.32 36.18 4.23
CA LEU A 56 -0.61 35.11 3.29
C LEU A 56 -1.42 35.68 2.12
N PRO A 57 -1.04 35.28 0.90
CA PRO A 57 -1.85 35.56 -0.29
C PRO A 57 -3.26 35.06 -0.05
N LEU A 58 -4.25 35.71 -0.63
CA LEU A 58 -5.65 35.36 -0.40
C LEU A 58 -6.01 33.87 -0.59
N ARG A 59 -5.44 33.23 -1.60
CA ARG A 59 -5.74 31.83 -1.88
C ARG A 59 -5.42 30.93 -0.69
N TYR A 60 -4.27 31.17 -0.10
CA TYR A 60 -3.81 30.43 1.05
C TYR A 60 -4.51 30.93 2.31
N PHE A 61 -4.79 32.23 2.36
CA PHE A 61 -5.44 32.80 3.52
C PHE A 61 -6.83 32.18 3.69
N ASN A 62 -7.47 31.86 2.58
CA ASN A 62 -8.80 31.27 2.65
C ASN A 62 -8.80 29.82 3.10
N MET A 63 -7.62 29.23 3.22
CA MET A 63 -7.56 27.87 3.73
C MET A 63 -7.13 27.74 5.22
N VAL A 64 -7.00 28.88 5.89
CA VAL A 64 -6.74 28.91 7.32
C VAL A 64 -7.82 28.19 8.17
N PRO A 65 -9.09 28.27 7.76
CA PRO A 65 -10.06 27.42 8.47
C PRO A 65 -9.86 25.88 8.37
N VAL A 66 -9.69 25.27 7.19
CA VAL A 66 -9.49 23.81 7.14
C VAL A 66 -8.26 23.38 7.93
N PHE A 67 -7.14 24.08 7.75
CA PHE A 67 -5.95 23.70 8.47
C PHE A 67 -6.09 23.91 9.99
N GLY A 68 -6.84 24.93 10.37
CA GLY A 68 -7.20 25.08 11.77
C GLY A 68 -7.99 23.89 12.26
N ARG A 69 -8.87 23.37 11.40
CA ARG A 69 -9.67 22.20 11.71
C ARG A 69 -8.80 20.96 11.83
N LEU A 70 -7.74 20.90 11.03
CA LEU A 70 -6.83 19.78 11.11
C LEU A 70 -6.19 19.80 12.49
N LEU A 71 -5.60 20.94 12.84
CA LEU A 71 -5.06 21.15 14.19
C LEU A 71 -6.05 20.77 15.30
N GLN A 72 -7.32 21.08 15.13
CA GLN A 72 -8.32 20.74 16.13
C GLN A 72 -8.40 19.23 16.27
N ARG A 73 -8.50 18.58 15.12
CA ARG A 73 -8.66 17.15 15.07
C ARG A 73 -7.44 16.46 15.63
N HIS A 74 -6.27 17.03 15.35
CA HIS A 74 -5.02 16.53 15.91
C HIS A 74 -5.02 16.61 17.42
N ARG A 75 -5.54 17.71 17.94
CA ARG A 75 -5.55 17.97 19.35
C ARG A 75 -6.54 17.07 20.08
N LYS A 76 -7.51 16.51 19.37
CA LYS A 76 -8.46 15.61 20.02
C LYS A 76 -8.22 14.15 19.72
N CYS A 77 -7.36 13.90 18.74
CA CYS A 77 -6.90 12.55 18.44
C CYS A 77 -6.11 12.00 19.62
N ARG A 78 -6.50 10.83 20.12
CA ARG A 78 -5.79 10.22 21.23
C ARG A 78 -4.84 9.17 20.66
N TYR A 79 -3.65 9.64 20.26
CA TYR A 79 -2.67 8.80 19.60
C TYR A 79 -2.28 7.59 20.45
N SER A 80 -2.08 7.80 21.74
CA SER A 80 -1.72 6.71 22.65
C SER A 80 -2.71 5.58 22.52
N SER A 81 -3.99 5.93 22.49
CA SER A 81 -5.04 4.95 22.51
C SER A 81 -5.15 4.20 21.18
N VAL A 82 -5.02 4.91 20.05
CA VAL A 82 -4.99 4.24 18.75
C VAL A 82 -3.80 3.29 18.64
N LEU A 83 -2.65 3.74 19.14
CA LEU A 83 -1.43 2.92 19.12
C LEU A 83 -1.66 1.63 19.85
N HIS A 84 -2.19 1.74 21.07
CA HIS A 84 -2.38 0.57 21.92
C HIS A 84 -3.31 -0.42 21.26
N ARG A 85 -4.30 0.11 20.53
CA ARG A 85 -5.23 -0.73 19.81
C ARG A 85 -4.60 -1.46 18.62
N MET A 86 -3.82 -0.76 17.80
CA MET A 86 -3.27 -1.33 16.57
C MET A 86 -1.96 -2.09 16.79
N CYS A 87 -1.23 -1.71 17.82
CA CYS A 87 -0.04 -2.44 18.22
C CYS A 87 -0.18 -2.95 19.65
N PRO A 88 -0.92 -4.04 19.81
CA PRO A 88 -1.17 -4.67 21.11
C PRO A 88 0.11 -5.12 21.79
N VAL A 89 0.08 -5.14 23.11
CA VAL A 89 1.25 -5.47 23.90
C VAL A 89 1.28 -6.95 24.23
N VAL A 90 2.43 -7.59 24.07
CA VAL A 90 2.58 -8.97 24.51
C VAL A 90 2.69 -8.98 26.02
N GLU A 91 1.77 -9.71 26.68
CA GLU A 91 1.69 -9.71 28.12
C GLU A 91 2.88 -10.44 28.73
N LEU A 92 3.72 -9.70 29.44
CA LEU A 92 4.79 -10.35 30.17
C LEU A 92 4.24 -11.04 31.40
N SER A 93 5.12 -11.72 32.11
CA SER A 93 4.71 -12.46 33.28
C SER A 93 4.72 -11.51 34.43
N ARG A 94 3.90 -11.80 35.43
CA ARG A 94 4.13 -11.28 36.76
C ARG A 94 5.57 -11.68 37.08
N ALA A 95 6.30 -10.79 37.74
CA ALA A 95 7.74 -10.94 38.08
C ALA A 95 8.62 -10.30 37.06
N ALA A 96 8.08 -10.07 35.87
CA ALA A 96 8.76 -9.27 34.87
C ALA A 96 8.10 -7.89 34.86
N GLN A 97 6.85 -7.86 35.31
CA GLN A 97 6.08 -6.64 35.51
C GLN A 97 6.92 -5.61 36.26
N GLY A 98 6.79 -4.34 35.87
CA GLY A 98 7.58 -3.30 36.49
C GLY A 98 8.83 -2.90 35.74
N GLU A 99 9.98 -3.08 36.35
CA GLU A 99 11.23 -2.64 35.75
C GLU A 99 11.62 -3.39 34.46
N LEU A 100 11.66 -4.72 34.52
CA LEU A 100 12.05 -5.53 33.36
C LEU A 100 11.10 -5.25 32.23
N SER A 101 9.81 -5.15 32.55
CA SER A 101 8.82 -4.94 31.51
C SER A 101 9.06 -3.64 30.75
N SER A 102 9.79 -2.72 31.37
CA SER A 102 10.03 -1.41 30.80
C SER A 102 11.38 -1.39 30.10
N LEU A 103 12.12 -2.48 30.25
CA LEU A 103 13.42 -2.66 29.64
C LEU A 103 13.27 -3.40 28.32
N ILE A 104 12.26 -4.27 28.28
CA ILE A 104 11.97 -5.08 27.12
C ILE A 104 11.04 -4.33 26.18
N PRO A 105 11.49 -4.10 24.94
CA PRO A 105 10.75 -3.43 23.88
C PRO A 105 9.56 -4.25 23.45
N GLN A 106 8.70 -3.67 22.62
CA GLN A 106 7.59 -4.40 22.06
C GLN A 106 7.52 -4.15 20.58
N HIS A 107 7.73 -5.22 19.80
CA HIS A 107 7.67 -5.13 18.36
C HIS A 107 6.24 -4.91 17.94
N CYS A 108 6.06 -4.26 16.80
CA CYS A 108 4.76 -4.10 16.21
C CYS A 108 4.92 -4.42 14.73
N ALA A 109 4.12 -5.36 14.24
CA ALA A 109 4.18 -5.76 12.85
C ALA A 109 4.05 -4.54 11.95
N PRO A 110 4.91 -4.44 10.92
CA PRO A 110 4.86 -3.38 9.91
C PRO A 110 3.45 -3.01 9.43
N HIS A 111 2.66 -3.99 9.02
CA HIS A 111 1.30 -3.70 8.57
C HIS A 111 0.47 -3.03 9.66
N ARG A 112 0.74 -3.40 10.91
CA ARG A 112 0.11 -2.77 12.05
C ARG A 112 0.54 -1.33 12.33
N VAL A 113 1.83 -1.03 12.24
CA VAL A 113 2.24 0.37 12.35
C VAL A 113 1.72 1.17 11.16
N TYR A 114 1.48 0.50 10.04
CA TYR A 114 0.76 1.15 8.94
C TYR A 114 -0.70 1.45 9.28
N LEU A 115 -1.36 0.49 9.95
CA LEU A 115 -2.78 0.63 10.31
C LEU A 115 -2.99 1.78 11.29
N PHE A 116 -2.06 1.91 12.23
CA PHE A 116 -2.00 3.05 13.12
C PHE A 116 -1.97 4.35 12.32
N VAL A 117 -0.98 4.48 11.45
CA VAL A 117 -0.81 5.67 10.64
C VAL A 117 -2.07 5.94 9.81
N ARG A 118 -2.64 4.87 9.29
CA ARG A 118 -3.86 4.96 8.49
C ARG A 118 -5.01 5.56 9.31
N GLU A 119 -5.20 5.09 10.52
CA GLU A 119 -6.34 5.55 11.29
C GLU A 119 -6.13 6.97 11.79
N CYS A 120 -4.90 7.30 12.17
CA CYS A 120 -4.57 8.68 12.54
C CYS A 120 -4.83 9.66 11.39
N LEU A 121 -4.38 9.30 10.19
CA LEU A 121 -4.67 10.08 9.00
C LEU A 121 -6.18 10.32 8.89
N THR A 122 -6.95 9.25 9.09
CA THR A 122 -8.40 9.34 9.00
C THR A 122 -8.98 10.25 10.09
N ALA A 123 -8.39 10.19 11.28
CA ALA A 123 -8.89 10.98 12.39
C ALA A 123 -8.66 12.45 12.15
N VAL A 124 -7.40 12.83 11.92
CA VAL A 124 -7.03 14.24 11.93
C VAL A 124 -7.18 14.98 10.61
N VAL A 125 -6.93 14.33 9.47
CA VAL A 125 -7.08 15.03 8.20
C VAL A 125 -8.55 15.20 7.82
N PRO A 126 -9.02 16.47 7.79
CA PRO A 126 -10.40 16.78 7.43
C PRO A 126 -10.70 16.25 6.03
N GLU A 127 -11.95 15.92 5.74
CA GLU A 127 -12.29 15.28 4.48
C GLU A 127 -12.16 16.26 3.32
N GLU A 128 -12.50 17.51 3.58
CA GLU A 128 -12.45 18.53 2.54
C GLU A 128 -11.07 18.58 1.89
N LEU A 129 -10.04 18.20 2.65
CA LEU A 129 -8.69 18.17 2.14
C LEU A 129 -8.48 17.01 1.17
N TRP A 130 -8.98 15.83 1.53
CA TRP A 130 -8.84 14.66 0.65
C TRP A 130 -9.54 14.94 -0.66
N GLY A 131 -10.63 15.70 -0.59
CA GLY A 131 -11.44 15.96 -1.75
C GLY A 131 -12.38 14.79 -1.97
N SER A 132 -11.81 13.66 -2.35
CA SER A 132 -12.58 12.44 -2.57
C SER A 132 -12.05 11.30 -1.73
N ASP A 133 -12.91 10.33 -1.46
CA ASP A 133 -12.46 9.13 -0.81
C ASP A 133 -11.45 8.44 -1.72
N HIS A 134 -11.63 8.60 -3.03
CA HIS A 134 -10.70 8.02 -3.98
C HIS A 134 -9.30 8.57 -3.78
N ASN A 135 -9.22 9.84 -3.39
CA ASN A 135 -7.94 10.48 -3.20
C ASN A 135 -7.29 9.98 -1.92
N ARG A 136 -8.12 9.75 -0.90
CA ARG A 136 -7.62 9.29 0.38
C ARG A 136 -6.98 7.92 0.22
N LEU A 137 -7.74 7.01 -0.35
CA LEU A 137 -7.29 5.63 -0.56
C LEU A 137 -6.01 5.52 -1.39
N GLN A 138 -5.91 6.27 -2.49
CA GLN A 138 -4.69 6.25 -3.30
C GLN A 138 -3.50 6.71 -2.47
N PHE A 139 -3.74 7.69 -1.61
CA PHE A 139 -2.67 8.22 -0.80
C PHE A 139 -2.23 7.17 0.21
N PHE A 140 -3.20 6.50 0.82
CA PHE A 140 -2.90 5.42 1.77
C PHE A 140 -2.02 4.40 1.11
N SER A 141 -2.29 4.16 -0.17
CA SER A 141 -1.53 3.20 -0.94
C SER A 141 -0.07 3.59 -0.98
N ARG A 142 0.18 4.87 -1.24
CA ARG A 142 1.53 5.39 -1.26
C ARG A 142 2.18 5.29 0.10
N VAL A 143 1.40 5.52 1.15
CA VAL A 143 1.90 5.45 2.52
C VAL A 143 2.36 4.03 2.83
N ARG A 144 1.55 3.09 2.38
CA ARG A 144 1.82 1.67 2.54
C ARG A 144 3.21 1.35 1.96
N GLY A 145 3.44 1.80 0.74
CA GLY A 145 4.73 1.56 0.13
C GLY A 145 5.83 2.39 0.75
N PHE A 146 5.49 3.62 1.13
CA PHE A 146 6.46 4.52 1.72
C PHE A 146 7.10 3.90 2.94
N LEU A 147 6.28 3.16 3.68
CA LEU A 147 6.65 2.71 5.01
C LEU A 147 7.52 1.47 4.92
N LYS A 148 7.74 0.98 3.70
CA LYS A 148 8.56 -0.22 3.49
C LYS A 148 9.92 0.09 2.89
N SER A 149 10.08 1.31 2.36
CA SER A 149 11.27 1.66 1.61
C SER A 149 12.35 2.31 2.48
N GLY A 150 13.22 3.07 1.83
CA GLY A 150 14.33 3.73 2.51
C GLY A 150 14.89 4.90 1.71
N SER A 156 10.73 7.49 -4.14
CA SER A 156 9.47 8.09 -4.63
C SER A 156 9.57 9.59 -4.89
N VAL A 157 8.89 10.07 -5.93
CA VAL A 157 8.96 11.48 -6.33
C VAL A 157 7.61 12.18 -6.46
N ALA A 158 7.65 13.50 -6.59
CA ALA A 158 6.43 14.31 -6.61
C ALA A 158 5.48 13.90 -7.73
N GLU A 159 6.03 13.43 -8.83
CA GLU A 159 5.19 13.10 -9.98
C GLU A 159 4.60 11.71 -9.78
N LEU A 160 5.38 10.86 -9.13
CA LEU A 160 5.03 9.47 -8.84
C LEU A 160 3.87 9.35 -7.85
N MET A 161 3.56 10.45 -7.18
CA MET A 161 2.60 10.44 -6.10
C MET A 161 1.15 10.58 -6.56
N TRP A 162 0.80 10.06 -7.74
CA TRP A 162 -0.53 10.37 -8.31
C TRP A 162 -1.24 9.34 -9.19
N LYS A 163 -2.35 8.84 -8.68
CA LYS A 163 -3.57 8.65 -9.44
C LYS A 163 -4.51 9.56 -8.66
N ILE A 164 -4.06 10.79 -8.42
CA ILE A 164 -4.77 11.67 -7.52
C ILE A 164 -5.53 12.76 -8.27
N LYS A 165 -6.81 12.89 -7.95
CA LYS A 165 -7.72 13.66 -8.76
C LYS A 165 -7.82 15.11 -8.30
N VAL A 166 -7.03 15.95 -8.96
CA VAL A 166 -6.88 17.36 -8.61
C VAL A 166 -8.19 18.11 -8.58
N MET A 167 -9.12 17.77 -9.46
CA MET A 167 -10.38 18.51 -9.50
C MET A 167 -11.39 18.05 -8.44
N ASP A 168 -10.96 17.15 -7.56
CA ASP A 168 -11.84 16.72 -6.50
C ASP A 168 -11.69 17.63 -5.31
N CYS A 169 -10.54 18.30 -5.24
CA CYS A 169 -10.23 19.17 -4.12
C CYS A 169 -10.65 20.61 -4.38
N ASP A 170 -11.88 20.96 -3.97
CA ASP A 170 -12.36 22.34 -4.10
C ASP A 170 -11.42 23.33 -3.43
N TRP A 171 -10.84 22.93 -2.31
CA TRP A 171 -10.02 23.83 -1.51
C TRP A 171 -8.81 24.42 -2.23
N LEU A 172 -8.47 23.89 -3.40
CA LEU A 172 -7.33 24.39 -4.16
C LEU A 172 -7.74 25.64 -4.92
N LYS A 173 -9.05 25.81 -5.08
CA LYS A 173 -9.62 26.97 -5.76
C LYS A 173 -9.34 28.24 -4.98
N LEU A 174 -9.34 29.37 -5.67
CA LEU A 174 -9.34 30.66 -4.99
C LEU A 174 -10.78 31.08 -4.74
N ARG A 175 -11.59 31.05 -5.79
CA ARG A 175 -12.98 31.42 -5.69
C ARG A 175 -13.82 30.19 -5.99
N ARG A 176 -14.95 30.05 -5.32
CA ARG A 176 -15.77 28.86 -5.47
C ARG A 176 -16.71 28.91 -6.67
N THR A 177 -16.31 29.65 -7.69
CA THR A 177 -17.05 29.69 -8.95
C THR A 177 -16.41 28.71 -9.93
N ALA A 178 -17.19 27.73 -10.38
CA ALA A 178 -16.66 26.64 -11.20
C ALA A 178 -16.58 26.97 -12.70
N GLY A 179 -16.26 28.22 -13.02
CA GLY A 179 -16.09 28.64 -14.39
C GLY A 179 -14.89 27.96 -15.02
N ARG A 180 -14.84 27.94 -16.35
CA ARG A 180 -13.72 27.34 -17.06
C ARG A 180 -12.40 27.98 -16.63
N PHE A 181 -11.36 27.16 -16.52
CA PHE A 181 -10.05 27.63 -16.08
C PHE A 181 -9.01 27.20 -17.12
N PRO A 182 -7.92 27.97 -17.23
CA PRO A 182 -6.88 27.65 -18.21
C PRO A 182 -5.90 26.60 -17.68
N PRO A 183 -5.09 26.02 -18.56
CA PRO A 183 -4.02 25.10 -18.14
C PRO A 183 -3.21 25.60 -16.95
N SER A 184 -2.84 26.89 -16.96
CA SER A 184 -2.01 27.47 -15.91
C SER A 184 -2.58 27.25 -14.52
N GLU A 185 -3.91 27.21 -14.43
CA GLU A 185 -4.61 26.96 -13.18
C GLU A 185 -4.43 25.53 -12.71
N LEU A 186 -4.77 24.58 -13.59
CA LEU A 186 -4.59 23.17 -13.33
C LEU A 186 -3.17 22.88 -12.81
N ALA A 187 -2.18 23.49 -13.45
CA ALA A 187 -0.80 23.40 -12.97
C ALA A 187 -0.68 23.89 -11.53
N TYR A 188 -1.14 25.12 -11.29
CA TYR A 188 -1.04 25.72 -9.96
C TYR A 188 -1.81 24.90 -8.91
N ARG A 189 -2.97 24.39 -9.28
CA ARG A 189 -3.69 23.48 -8.40
C ARG A 189 -2.89 22.20 -8.08
N THR A 190 -2.34 21.52 -9.09
CA THR A 190 -1.58 20.29 -8.82
C THR A 190 -0.38 20.59 -7.91
N ARG A 191 0.24 21.76 -8.12
CA ARG A 191 1.40 22.15 -7.33
C ARG A 191 1.02 22.24 -5.86
N ILE A 192 -0.07 22.94 -5.59
CA ILE A 192 -0.57 23.08 -4.24
C ILE A 192 -0.88 21.71 -3.62
N LEU A 193 -1.67 20.90 -4.31
CA LEU A 193 -1.95 19.55 -3.85
C LEU A 193 -0.68 18.73 -3.58
N SER A 194 0.28 18.80 -4.49
CA SER A 194 1.54 18.08 -4.32
C SER A 194 2.23 18.51 -3.04
N GLN A 195 2.24 19.82 -2.80
CA GLN A 195 2.88 20.34 -1.61
C GLN A 195 2.23 19.79 -0.35
N PHE A 196 0.91 19.69 -0.35
CA PHE A 196 0.19 19.27 0.85
C PHE A 196 0.41 17.77 1.06
N LEU A 197 0.18 16.99 0.02
CA LEU A 197 0.42 15.55 0.07
C LEU A 197 1.89 15.22 0.40
N THR A 198 2.82 16.04 -0.05
CA THR A 198 4.22 15.86 0.29
C THR A 198 4.41 16.08 1.79
N TRP A 199 3.78 17.13 2.32
CA TRP A 199 3.88 17.42 3.74
C TRP A 199 3.20 16.31 4.56
N LEU A 200 2.07 15.82 4.05
CA LEU A 200 1.36 14.75 4.73
C LEU A 200 2.25 13.54 4.85
N LEU A 201 2.95 13.22 3.76
CA LEU A 201 3.84 12.07 3.76
C LEU A 201 5.12 12.38 4.53
N ASP A 202 5.90 13.32 4.03
CA ASP A 202 7.21 13.65 4.60
C ASP A 202 7.17 14.32 5.97
N GLY A 203 6.06 14.96 6.31
CA GLY A 203 5.98 15.71 7.54
C GLY A 203 5.22 14.98 8.60
N PHE A 204 3.96 14.67 8.29
CA PHE A 204 3.06 14.05 9.25
C PHE A 204 3.39 12.58 9.50
N VAL A 205 3.31 11.77 8.45
CA VAL A 205 3.59 10.35 8.57
C VAL A 205 4.95 10.04 9.20
N VAL A 206 6.03 10.60 8.68
CA VAL A 206 7.33 10.21 9.21
C VAL A 206 7.53 10.80 10.59
N GLY A 207 6.91 11.95 10.84
CA GLY A 207 6.94 12.54 12.16
C GLY A 207 6.32 11.60 13.14
N LEU A 208 5.18 11.04 12.74
CA LEU A 208 4.42 10.09 13.54
C LEU A 208 5.25 8.90 13.96
N VAL A 209 5.87 8.22 13.00
CA VAL A 209 6.56 7.00 13.38
C VAL A 209 7.89 7.31 14.06
N ARG A 210 8.53 8.40 13.64
CA ARG A 210 9.75 8.86 14.31
C ARG A 210 9.47 9.18 15.78
N ALA A 211 8.20 9.41 16.11
CA ALA A 211 7.81 9.78 17.47
C ALA A 211 7.41 8.61 18.34
N CYS A 212 6.66 7.68 17.76
CA CYS A 212 6.09 6.59 18.55
C CYS A 212 6.86 5.28 18.44
N PHE A 213 7.87 5.22 17.57
CA PHE A 213 8.57 3.96 17.33
C PHE A 213 10.05 4.15 17.11
N TYR A 214 10.88 3.36 17.79
CA TYR A 214 12.26 3.16 17.35
C TYR A 214 12.25 2.18 16.17
N ALA A 215 12.48 2.69 14.97
CA ALA A 215 12.50 1.83 13.78
C ALA A 215 13.92 1.65 13.27
N THR A 216 14.20 0.48 12.74
CA THR A 216 15.56 0.11 12.43
C THR A 216 15.46 -0.76 11.21
N GLU A 217 16.51 -0.79 10.39
CA GLU A 217 16.55 -1.67 9.23
C GLU A 217 17.55 -2.80 9.41
N SER A 218 17.08 -4.02 9.13
CA SER A 218 17.84 -5.28 9.23
C SER A 218 19.37 -5.16 9.12
N ASN A 223 15.40 -7.02 3.51
CA ASN A 223 15.67 -5.63 3.84
C ASN A 223 14.49 -4.98 4.57
N ALA A 224 14.07 -5.58 5.67
CA ALA A 224 12.85 -5.21 6.35
C ALA A 224 13.05 -4.27 7.52
N ILE A 225 12.19 -3.26 7.62
CA ILE A 225 12.14 -2.39 8.79
C ILE A 225 11.40 -3.10 9.93
N ARG A 226 12.02 -3.12 11.10
CA ARG A 226 11.37 -3.57 12.32
C ARG A 226 10.99 -2.36 13.18
N PHE A 227 9.83 -2.40 13.84
CA PHE A 227 9.42 -1.30 14.72
C PHE A 227 9.34 -1.66 16.21
N TYR A 228 10.16 -1.02 17.03
CA TYR A 228 10.15 -1.22 18.47
C TYR A 228 9.50 -0.06 19.22
N ARG A 229 9.20 -0.29 20.49
CA ARG A 229 8.59 0.73 21.35
C ARG A 229 8.91 0.39 22.80
N GLN A 230 9.23 1.41 23.60
CA GLN A 230 9.27 1.25 25.05
C GLN A 230 8.33 2.28 25.67
N GLU A 231 7.03 2.00 25.62
CA GLU A 231 5.97 2.94 25.98
C GLU A 231 6.20 3.74 27.25
N VAL A 232 6.32 3.05 28.38
CA VAL A 232 6.53 3.72 29.67
C VAL A 232 7.72 4.70 29.63
N TRP A 233 8.88 4.22 29.21
CA TRP A 233 10.04 5.08 29.06
C TRP A 233 9.74 6.23 28.10
N SER A 234 9.03 5.91 27.02
CA SER A 234 8.64 6.92 26.06
C SER A 234 7.75 8.00 26.70
N LYS A 235 6.82 7.57 27.56
CA LYS A 235 5.92 8.49 28.22
C LYS A 235 6.64 9.36 29.25
N LEU A 236 7.67 8.79 29.88
CA LEU A 236 8.50 9.55 30.81
C LEU A 236 9.25 10.67 30.08
N GLN A 237 9.66 10.41 28.85
CA GLN A 237 10.29 11.42 28.02
C GLN A 237 9.35 12.56 27.72
N ASP A 238 8.10 12.23 27.37
CA ASP A 238 7.07 13.24 27.15
C ASP A 238 6.88 14.07 28.41
N LEU A 239 6.79 13.40 29.54
CA LEU A 239 6.59 14.10 30.82
C LEU A 239 7.82 14.94 31.18
N ALA A 240 9.02 14.36 31.04
CA ALA A 240 10.25 15.09 31.33
C ALA A 240 10.40 16.33 30.44
N PHE A 241 9.99 16.22 29.18
CA PHE A 241 10.02 17.37 28.31
C PHE A 241 9.21 18.50 28.92
N ARG A 242 7.97 18.17 29.31
CA ARG A 242 7.05 19.15 29.87
C ARG A 242 7.66 19.91 31.04
N ARG A 243 8.24 19.18 31.99
CA ARG A 243 8.80 19.84 33.18
C ARG A 243 10.02 20.66 32.80
N HIS A 244 10.74 20.21 31.79
CA HIS A 244 11.91 20.95 31.32
C HIS A 244 11.55 22.32 30.75
N ILE A 245 10.63 22.37 29.79
CA ILE A 245 10.32 23.68 29.21
C ILE A 245 9.71 24.57 30.28
N ALA A 246 8.92 23.99 31.18
CA ALA A 246 8.34 24.75 32.29
C ALA A 246 9.42 25.36 33.18
N LYS A 247 10.41 24.55 33.59
CA LYS A 247 11.52 25.04 34.39
C LYS A 247 12.22 26.18 33.67
N GLY A 248 12.18 26.12 32.34
CA GLY A 248 12.79 27.15 31.54
C GLY A 248 12.08 28.46 31.70
N GLU A 249 10.76 28.44 31.48
CA GLU A 249 9.93 29.64 31.58
C GLU A 249 10.09 30.28 32.95
N MET A 250 10.03 29.44 33.97
CA MET A 250 10.15 29.91 35.35
C MET A 250 11.41 30.72 35.55
N GLU A 251 12.54 30.15 35.12
CA GLU A 251 13.83 30.82 35.25
C GLU A 251 13.87 32.16 34.53
N GLU A 252 13.16 32.25 33.41
CA GLU A 252 13.11 33.50 32.66
C GLU A 252 12.23 34.56 33.33
N LEU A 253 11.26 34.13 34.13
CA LEU A 253 10.36 35.06 34.80
C LEU A 253 10.86 35.45 36.18
N SER A 254 11.51 34.52 36.85
CA SER A 254 11.89 34.74 38.24
C SER A 254 13.11 35.65 38.35
N PRO A 255 13.02 36.65 39.22
CA PRO A 255 13.99 37.74 39.45
C PRO A 255 15.38 37.28 39.83
N ALA A 256 16.36 38.15 39.64
CA ALA A 256 17.74 37.90 40.09
C ALA A 256 17.86 38.11 41.60
N GLN A 257 18.83 37.42 42.20
CA GLN A 257 19.01 37.40 43.65
C GLN A 257 17.77 36.86 44.36
N SER B 2 2.57 -20.77 -4.55
CA SER B 2 1.22 -21.33 -4.62
C SER B 2 0.19 -20.44 -3.95
N GLY B 3 0.47 -20.04 -2.71
CA GLY B 3 -0.45 -19.22 -1.93
C GLY B 3 -0.81 -17.91 -2.61
N PHE B 4 -2.09 -17.56 -2.62
CA PHE B 4 -2.54 -16.36 -3.32
C PHE B 4 -3.49 -15.48 -2.51
N LEU B 5 -3.41 -15.61 -1.20
CA LEU B 5 -4.28 -14.87 -0.31
C LEU B 5 -3.72 -13.48 0.02
N TYR B 6 -4.63 -12.54 0.28
CA TYR B 6 -4.32 -11.25 0.91
C TYR B 6 -3.53 -10.22 0.07
N GLY B 7 -4.12 -9.69 -0.98
CA GLY B 7 -3.46 -8.60 -1.71
C GLY B 7 -4.32 -7.86 -2.71
N GLY B 8 -4.62 -6.60 -2.43
CA GLY B 8 -5.36 -5.81 -3.40
C GLY B 8 -4.48 -4.92 -4.24
N ARG B 9 -3.18 -5.08 -4.05
CA ARG B 9 -2.15 -4.12 -4.49
C ARG B 9 -2.06 -3.83 -5.99
N GLY B 10 -2.75 -4.59 -6.82
CA GLY B 10 -2.86 -4.25 -8.25
C GLY B 10 -1.71 -4.72 -9.12
N MET B 11 -1.88 -4.51 -10.42
CA MET B 11 -1.02 -5.06 -11.46
C MET B 11 0.34 -4.38 -11.57
N HIS B 12 0.53 -3.33 -10.79
CA HIS B 12 1.70 -2.49 -10.91
C HIS B 12 2.85 -3.08 -10.07
N GLY B 13 2.78 -4.39 -9.87
CA GLY B 13 3.73 -5.13 -9.05
C GLY B 13 3.72 -6.60 -9.47
N PHE B 14 2.80 -6.92 -10.36
CA PHE B 14 2.75 -8.20 -11.07
C PHE B 14 4.15 -8.54 -11.63
N CYS B 15 4.51 -9.82 -11.64
CA CYS B 15 5.85 -10.24 -12.05
C CYS B 15 6.27 -9.74 -13.44
N LEU B 16 5.37 -9.93 -14.41
CA LEU B 16 5.61 -9.51 -15.79
C LEU B 16 5.68 -7.99 -15.96
N ASN B 17 5.47 -7.23 -14.89
CA ASN B 17 5.49 -5.77 -14.98
C ASN B 17 6.62 -5.15 -14.19
N ARG B 18 7.42 -5.99 -13.52
CA ARG B 18 8.56 -5.48 -12.76
C ARG B 18 9.76 -5.27 -13.68
N LYS B 19 10.62 -4.32 -13.32
CA LYS B 19 11.64 -3.82 -14.22
C LYS B 19 13.03 -4.42 -13.99
N ARG B 20 13.88 -4.33 -15.02
CA ARG B 20 15.23 -4.88 -14.97
C ARG B 20 16.20 -3.92 -14.28
N ARG B 21 17.22 -4.47 -13.63
CA ARG B 21 18.24 -3.70 -12.91
C ARG B 21 18.85 -2.60 -13.78
N THR B 22 19.41 -1.58 -13.13
CA THR B 22 19.97 -0.42 -13.84
C THR B 22 21.22 -0.77 -14.63
N ALA B 23 21.03 -1.29 -15.84
CA ALA B 23 22.15 -1.50 -16.74
C ALA B 23 22.50 -0.17 -17.39
N ALA B 24 21.46 0.60 -17.69
CA ALA B 24 21.60 1.94 -18.24
C ALA B 24 20.27 2.67 -18.04
N GLY B 25 19.73 2.54 -16.84
CA GLY B 25 18.38 3.02 -16.55
C GLY B 25 17.40 1.87 -16.69
N PRO B 26 16.69 1.54 -15.59
CA PRO B 26 15.77 0.41 -15.50
C PRO B 26 14.76 0.34 -16.64
N ARG B 27 14.82 -0.72 -17.44
CA ARG B 27 13.86 -0.93 -18.52
C ARG B 27 13.01 -2.19 -18.34
N ARG B 28 11.98 -2.31 -19.16
CA ARG B 28 11.05 -3.44 -19.06
C ARG B 28 11.70 -4.74 -19.47
N LEU B 29 10.98 -5.84 -19.30
CA LEU B 29 11.56 -7.16 -19.54
C LEU B 29 11.58 -7.52 -21.01
N GLN B 30 12.56 -8.34 -21.36
CA GLN B 30 12.70 -8.88 -22.70
C GLN B 30 12.66 -10.40 -22.58
N GLY B 31 12.43 -11.08 -23.70
CA GLY B 31 12.30 -12.52 -23.72
C GLY B 31 13.36 -13.28 -22.95
N GLN B 32 14.60 -12.82 -23.01
CA GLN B 32 15.69 -13.53 -22.36
C GLN B 32 15.63 -13.37 -20.85
N ASP B 33 15.01 -12.29 -20.39
CA ASP B 33 14.76 -12.13 -18.96
C ASP B 33 13.78 -13.20 -18.52
N LEU B 34 12.61 -13.22 -19.18
CA LEU B 34 11.57 -14.19 -18.91
C LEU B 34 12.10 -15.62 -18.85
N VAL B 35 12.93 -15.97 -19.84
CA VAL B 35 13.49 -17.32 -19.91
C VAL B 35 14.36 -17.62 -18.69
N ARG B 36 15.26 -16.68 -18.38
CA ARG B 36 16.07 -16.79 -17.17
C ARG B 36 15.16 -16.85 -15.96
N LEU B 37 14.11 -16.04 -16.00
CA LEU B 37 13.12 -15.97 -14.93
C LEU B 37 12.44 -17.32 -14.69
N VAL B 38 12.12 -18.03 -15.78
CA VAL B 38 11.43 -19.31 -15.67
C VAL B 38 12.35 -20.51 -15.39
N PHE B 39 13.42 -20.66 -16.16
CA PHE B 39 14.20 -21.90 -16.11
C PHE B 39 15.49 -21.83 -15.31
N PHE B 40 15.84 -20.64 -14.82
CA PHE B 40 17.04 -20.49 -14.00
C PHE B 40 16.79 -19.69 -12.72
N GLU B 41 16.33 -18.45 -12.85
CA GLU B 41 15.98 -17.63 -11.69
C GLU B 41 14.68 -16.85 -11.91
N LYS B 54 26.00 -17.18 -17.42
CA LYS B 54 26.00 -15.82 -17.96
C LYS B 54 25.74 -15.87 -19.46
N LYS B 55 26.08 -17.00 -20.07
CA LYS B 55 25.76 -17.24 -21.47
C LYS B 55 24.52 -18.12 -21.50
N LEU B 56 23.61 -17.84 -22.42
CA LEU B 56 22.34 -18.57 -22.46
C LEU B 56 22.39 -19.74 -23.43
N PRO B 57 22.44 -20.97 -22.89
CA PRO B 57 22.51 -22.24 -23.62
C PRO B 57 21.53 -22.30 -24.80
N LEU B 58 22.04 -22.68 -25.98
CA LEU B 58 21.32 -22.58 -27.25
C LEU B 58 19.87 -23.05 -27.21
N ARG B 59 19.60 -24.14 -26.49
CA ARG B 59 18.25 -24.67 -26.39
C ARG B 59 17.31 -23.64 -25.78
N TYR B 60 17.87 -22.78 -24.92
CA TYR B 60 17.10 -21.73 -24.25
C TYR B 60 17.19 -20.40 -25.00
N PHE B 61 18.28 -20.20 -25.73
CA PHE B 61 18.45 -18.98 -26.52
C PHE B 61 17.47 -18.97 -27.70
N ASN B 62 16.90 -20.12 -28.00
CA ASN B 62 15.92 -20.25 -29.07
C ASN B 62 14.51 -19.91 -28.59
N MET B 63 14.31 -19.94 -27.29
CA MET B 63 13.01 -19.63 -26.71
C MET B 63 12.76 -18.13 -26.71
N VAL B 64 13.85 -17.36 -26.71
CA VAL B 64 13.76 -15.91 -26.53
C VAL B 64 12.78 -15.16 -27.43
N PRO B 65 12.69 -15.51 -28.73
CA PRO B 65 11.66 -14.85 -29.53
C PRO B 65 10.25 -15.18 -29.08
N VAL B 66 10.05 -16.41 -28.61
CA VAL B 66 8.74 -16.89 -28.19
C VAL B 66 8.27 -16.24 -26.89
N PHE B 67 9.15 -16.24 -25.89
CA PHE B 67 8.86 -15.59 -24.62
C PHE B 67 8.92 -14.07 -24.73
N GLY B 68 9.28 -13.57 -25.91
CA GLY B 68 9.21 -12.14 -26.15
C GLY B 68 7.82 -11.84 -26.67
N ARG B 69 7.26 -12.80 -27.39
CA ARG B 69 5.93 -12.67 -27.94
C ARG B 69 4.93 -12.73 -26.80
N LEU B 70 5.23 -13.57 -25.81
CA LEU B 70 4.42 -13.68 -24.61
C LEU B 70 4.34 -12.32 -23.92
N LEU B 71 5.51 -11.76 -23.62
CA LEU B 71 5.58 -10.46 -22.95
C LEU B 71 4.82 -9.40 -23.73
N GLN B 72 4.84 -9.51 -25.06
CA GLN B 72 4.19 -8.53 -25.91
C GLN B 72 2.68 -8.65 -25.76
N ARG B 73 2.19 -9.89 -25.80
CA ARG B 73 0.78 -10.17 -25.58
C ARG B 73 0.34 -9.60 -24.24
N HIS B 74 1.22 -9.70 -23.26
CA HIS B 74 0.96 -9.21 -21.92
C HIS B 74 0.82 -7.69 -21.93
N ARG B 75 1.77 -7.02 -22.58
CA ARG B 75 1.72 -5.58 -22.69
C ARG B 75 0.50 -5.14 -23.52
N LYS B 76 -0.03 -6.06 -24.31
CA LYS B 76 -1.21 -5.80 -25.11
C LYS B 76 -2.48 -6.12 -24.35
N CYS B 77 -2.36 -7.00 -23.35
CA CYS B 77 -3.51 -7.52 -22.61
C CYS B 77 -4.28 -6.46 -21.82
N ARG B 78 -5.55 -6.29 -22.19
CA ARG B 78 -6.41 -5.31 -21.53
C ARG B 78 -6.98 -5.91 -20.24
N TYR B 79 -6.12 -6.06 -19.23
CA TYR B 79 -6.50 -6.73 -17.98
C TYR B 79 -7.71 -6.12 -17.31
N SER B 80 -7.63 -4.83 -17.02
CA SER B 80 -8.66 -4.14 -16.25
C SER B 80 -10.05 -4.20 -16.88
N SER B 81 -10.12 -4.22 -18.20
CA SER B 81 -11.41 -4.30 -18.88
C SER B 81 -12.00 -5.70 -18.73
N VAL B 82 -11.13 -6.70 -18.68
CA VAL B 82 -11.58 -8.06 -18.40
C VAL B 82 -12.05 -8.16 -16.94
N LEU B 83 -11.24 -7.63 -16.04
CA LEU B 83 -11.54 -7.61 -14.62
C LEU B 83 -12.85 -6.89 -14.37
N HIS B 84 -13.05 -5.77 -15.06
CA HIS B 84 -14.27 -5.00 -14.90
C HIS B 84 -15.49 -5.79 -15.38
N ARG B 85 -15.33 -6.49 -16.50
CA ARG B 85 -16.41 -7.31 -17.03
C ARG B 85 -16.72 -8.42 -16.06
N MET B 86 -15.68 -9.03 -15.53
CA MET B 86 -15.86 -10.22 -14.71
C MET B 86 -16.23 -9.92 -13.26
N CYS B 87 -15.60 -8.91 -12.67
CA CYS B 87 -15.78 -8.60 -11.26
C CYS B 87 -15.81 -7.08 -11.03
N PRO B 88 -16.92 -6.43 -11.40
CA PRO B 88 -16.99 -4.98 -11.30
C PRO B 88 -17.11 -4.44 -9.86
N VAL B 89 -17.01 -3.12 -9.73
CA VAL B 89 -17.16 -2.45 -8.45
C VAL B 89 -18.38 -1.53 -8.51
N VAL B 90 -19.50 -2.03 -7.99
CA VAL B 90 -20.81 -1.35 -8.09
C VAL B 90 -20.88 -0.06 -7.25
N GLU B 91 -22.04 0.60 -7.27
CA GLU B 91 -22.23 1.92 -6.64
C GLU B 91 -21.95 2.01 -5.13
N LEU B 92 -22.19 0.91 -4.41
CA LEU B 92 -21.91 0.82 -2.97
C LEU B 92 -22.66 1.85 -2.11
N SER B 93 -23.50 2.67 -2.73
CA SER B 93 -24.09 3.80 -2.02
C SER B 93 -25.56 4.07 -2.34
N ARG B 94 -26.37 4.08 -1.30
CA ARG B 94 -27.80 4.36 -1.41
C ARG B 94 -28.04 5.80 -1.88
N ALA B 95 -27.51 6.75 -1.11
CA ALA B 95 -27.57 8.16 -1.47
C ALA B 95 -26.17 8.76 -1.36
N ALA B 96 -25.56 8.58 -0.20
CA ALA B 96 -24.16 8.96 0.02
C ALA B 96 -23.31 7.70 0.14
N GLN B 97 -23.68 6.82 1.06
CA GLN B 97 -22.96 5.55 1.19
C GLN B 97 -23.72 4.40 1.87
N GLY B 98 -23.65 3.24 1.23
CA GLY B 98 -24.11 1.98 1.79
C GLY B 98 -23.03 1.44 2.70
N GLU B 99 -23.48 0.71 3.73
CA GLU B 99 -22.63 0.25 4.81
C GLU B 99 -22.37 -1.25 4.74
N LEU B 100 -22.21 -1.87 5.92
CA LEU B 100 -21.69 -3.23 6.00
C LEU B 100 -22.56 -4.29 5.34
N SER B 101 -23.87 -4.18 5.56
CA SER B 101 -24.83 -5.13 5.04
C SER B 101 -24.86 -5.10 3.51
N SER B 102 -24.36 -4.03 2.91
CA SER B 102 -24.32 -3.91 1.46
C SER B 102 -22.90 -4.03 0.91
N LEU B 103 -21.93 -3.94 1.82
CA LEU B 103 -20.52 -4.07 1.47
C LEU B 103 -20.06 -5.54 1.44
N ILE B 104 -20.20 -6.24 2.56
CA ILE B 104 -19.81 -7.66 2.67
C ILE B 104 -20.26 -8.59 1.52
N PRO B 105 -21.51 -8.43 1.05
CA PRO B 105 -21.91 -9.29 -0.08
C PRO B 105 -21.20 -8.98 -1.40
N GLN B 106 -20.44 -7.89 -1.48
CA GLN B 106 -19.79 -7.49 -2.74
C GLN B 106 -18.49 -8.22 -3.00
N HIS B 107 -18.57 -9.55 -3.11
CA HIS B 107 -17.38 -10.35 -3.36
C HIS B 107 -17.53 -11.02 -4.71
N CYS B 108 -16.44 -11.01 -5.49
CA CYS B 108 -16.50 -11.60 -6.81
C CYS B 108 -16.69 -13.09 -6.66
N ALA B 109 -17.49 -13.68 -7.55
CA ALA B 109 -17.80 -15.10 -7.52
C ALA B 109 -16.59 -15.91 -7.92
N PRO B 110 -16.25 -16.93 -7.14
CA PRO B 110 -15.06 -17.76 -7.35
C PRO B 110 -14.92 -18.29 -8.79
N HIS B 111 -16.02 -18.70 -9.39
CA HIS B 111 -15.97 -19.15 -10.79
C HIS B 111 -15.70 -18.00 -11.74
N ARG B 112 -16.22 -16.83 -11.41
CA ARG B 112 -16.00 -15.66 -12.25
C ARG B 112 -14.56 -15.13 -12.14
N VAL B 113 -13.83 -15.51 -11.10
CA VAL B 113 -12.43 -15.12 -11.05
C VAL B 113 -11.62 -16.13 -11.86
N TYR B 114 -12.17 -17.33 -11.98
CA TYR B 114 -11.51 -18.35 -12.78
C TYR B 114 -11.57 -17.95 -14.26
N LEU B 115 -12.71 -17.45 -14.70
CA LEU B 115 -12.87 -17.05 -16.09
C LEU B 115 -11.97 -15.85 -16.42
N PHE B 116 -11.88 -14.92 -15.48
CA PHE B 116 -10.98 -13.77 -15.64
C PHE B 116 -9.54 -14.24 -15.82
N VAL B 117 -9.16 -15.25 -15.05
CA VAL B 117 -7.81 -15.81 -15.15
C VAL B 117 -7.67 -16.58 -16.45
N ARG B 118 -8.71 -17.30 -16.83
CA ARG B 118 -8.67 -18.14 -18.03
C ARG B 118 -8.50 -17.27 -19.28
N GLU B 119 -9.26 -16.18 -19.34
CA GLU B 119 -9.15 -15.22 -20.43
C GLU B 119 -7.72 -14.75 -20.62
N CYS B 120 -7.15 -14.18 -19.55
CA CYS B 120 -5.80 -13.66 -19.58
C CYS B 120 -4.80 -14.75 -19.96
N LEU B 121 -5.01 -15.94 -19.42
CA LEU B 121 -4.13 -17.06 -19.70
C LEU B 121 -4.19 -17.35 -21.20
N THR B 122 -5.41 -17.34 -21.72
CA THR B 122 -5.63 -17.53 -23.16
C THR B 122 -4.98 -16.40 -23.95
N ALA B 123 -5.06 -15.19 -23.41
CA ALA B 123 -4.71 -13.98 -24.14
C ALA B 123 -3.22 -13.76 -24.27
N VAL B 124 -2.44 -14.16 -23.26
CA VAL B 124 -1.02 -13.83 -23.25
C VAL B 124 -0.10 -14.99 -23.59
N VAL B 125 -0.55 -16.22 -23.37
CA VAL B 125 0.30 -17.36 -23.69
C VAL B 125 0.18 -17.71 -25.17
N PRO B 126 1.28 -17.56 -25.91
CA PRO B 126 1.30 -17.87 -27.34
C PRO B 126 0.94 -19.33 -27.60
N GLU B 127 0.06 -19.54 -28.58
CA GLU B 127 -0.49 -20.86 -28.91
C GLU B 127 0.58 -21.94 -28.98
N GLU B 128 1.78 -21.53 -29.40
CA GLU B 128 2.92 -22.43 -29.56
C GLU B 128 3.29 -23.13 -28.25
N LEU B 129 3.31 -22.35 -27.16
CA LEU B 129 3.74 -22.86 -25.86
C LEU B 129 2.87 -24.00 -25.36
N TRP B 130 1.57 -23.87 -25.55
CA TRP B 130 0.65 -24.92 -25.14
C TRP B 130 0.95 -26.16 -25.96
N GLY B 131 1.48 -25.94 -27.16
CA GLY B 131 1.77 -27.02 -28.07
C GLY B 131 0.49 -27.55 -28.67
N SER B 132 -0.15 -28.45 -27.94
CA SER B 132 -1.44 -28.97 -28.36
C SER B 132 -2.55 -28.00 -28.01
N ASP B 133 -3.78 -28.50 -28.09
CA ASP B 133 -4.93 -27.82 -27.57
C ASP B 133 -5.41 -28.65 -26.42
N HIS B 134 -4.93 -29.89 -26.39
CA HIS B 134 -5.20 -30.82 -25.30
C HIS B 134 -4.52 -30.30 -24.04
N ASN B 135 -3.23 -30.00 -24.16
CA ASN B 135 -2.44 -29.47 -23.05
C ASN B 135 -3.08 -28.23 -22.42
N ARG B 136 -3.37 -27.23 -23.25
CA ARG B 136 -3.95 -25.99 -22.78
C ARG B 136 -5.19 -26.20 -21.93
N LEU B 137 -6.10 -27.02 -22.43
CA LEU B 137 -7.33 -27.29 -21.70
C LEU B 137 -7.08 -28.06 -20.41
N GLN B 138 -6.10 -28.95 -20.41
CA GLN B 138 -5.76 -29.70 -19.21
C GLN B 138 -5.14 -28.78 -18.17
N PHE B 139 -4.33 -27.83 -18.63
CA PHE B 139 -3.74 -26.87 -17.73
C PHE B 139 -4.86 -26.05 -17.09
N PHE B 140 -5.78 -25.56 -17.93
CA PHE B 140 -6.95 -24.84 -17.43
C PHE B 140 -7.73 -25.67 -16.41
N SER B 141 -7.71 -26.99 -16.57
CA SER B 141 -8.38 -27.85 -15.61
C SER B 141 -7.70 -27.74 -14.25
N ARG B 142 -6.38 -27.83 -14.27
CA ARG B 142 -5.56 -27.76 -13.06
C ARG B 142 -5.74 -26.41 -12.36
N VAL B 143 -5.67 -25.32 -13.14
CA VAL B 143 -5.89 -23.99 -12.60
C VAL B 143 -7.23 -23.89 -11.87
N ARG B 144 -8.29 -24.35 -12.54
CA ARG B 144 -9.64 -24.28 -11.99
C ARG B 144 -9.75 -25.12 -10.72
N GLY B 145 -9.08 -26.25 -10.72
CA GLY B 145 -9.06 -27.12 -9.55
C GLY B 145 -8.32 -26.45 -8.40
N PHE B 146 -7.08 -26.07 -8.67
CA PHE B 146 -6.21 -25.40 -7.69
C PHE B 146 -6.89 -24.19 -7.12
N LEU B 147 -7.53 -23.42 -7.97
CA LEU B 147 -8.22 -22.20 -7.56
C LEU B 147 -9.35 -22.46 -6.57
N LYS B 148 -10.23 -23.40 -6.87
CA LYS B 148 -11.35 -23.63 -5.97
C LYS B 148 -10.93 -24.29 -4.66
N SER B 149 -9.99 -25.22 -4.74
CA SER B 149 -9.54 -25.96 -3.58
C SER B 149 -9.03 -25.04 -2.48
N GLY B 150 -8.27 -24.02 -2.85
CA GLY B 150 -7.80 -23.04 -1.90
C GLY B 150 -6.79 -23.60 -0.93
N LYS B 151 -6.15 -24.70 -1.32
CA LYS B 151 -5.10 -25.30 -0.50
C LYS B 151 -3.78 -25.22 -1.26
N PHE B 152 -2.70 -25.00 -0.52
CA PHE B 152 -1.42 -24.70 -1.16
C PHE B 152 -0.31 -25.73 -0.88
N GLU B 153 0.58 -25.86 -1.87
CA GLU B 153 1.61 -26.90 -1.89
C GLU B 153 1.01 -28.30 -1.73
N ARG B 154 -0.04 -28.58 -2.51
CA ARG B 154 -0.63 -29.92 -2.55
C ARG B 154 -0.47 -30.51 -3.95
N ILE B 155 -0.02 -29.69 -4.89
CA ILE B 155 0.39 -30.16 -6.19
C ILE B 155 1.87 -29.92 -6.28
N SER B 156 2.24 -28.72 -5.81
CA SER B 156 3.39 -27.92 -6.25
C SER B 156 4.51 -27.79 -5.23
N VAL B 157 5.35 -28.81 -5.12
CA VAL B 157 6.42 -28.80 -4.13
C VAL B 157 7.80 -28.97 -4.77
N GLU B 159 3.83 -32.37 -8.57
CA GLU B 159 3.89 -32.64 -10.02
C GLU B 159 2.99 -33.82 -10.43
N LEU B 160 1.82 -33.87 -9.78
CA LEU B 160 0.70 -34.64 -10.30
C LEU B 160 -0.01 -33.74 -11.30
N MET B 161 0.79 -32.95 -12.00
CA MET B 161 0.34 -31.88 -12.86
C MET B 161 0.26 -32.34 -14.31
N TRP B 162 -0.13 -33.59 -14.54
CA TRP B 162 0.10 -34.21 -15.86
C TRP B 162 -0.90 -35.22 -16.41
N LYS B 163 -1.66 -34.77 -17.40
CA LYS B 163 -2.17 -35.62 -18.47
C LYS B 163 -1.72 -34.83 -19.68
N ILE B 164 -0.50 -34.34 -19.58
CA ILE B 164 0.04 -33.34 -20.49
C ILE B 164 1.07 -33.98 -21.41
N LYS B 165 0.79 -33.94 -22.71
CA LYS B 165 1.61 -34.61 -23.70
C LYS B 165 2.84 -33.81 -24.11
N VAL B 166 3.99 -34.22 -23.58
CA VAL B 166 5.26 -33.57 -23.88
C VAL B 166 5.47 -33.41 -25.39
N MET B 167 5.10 -34.43 -26.14
CA MET B 167 5.41 -34.48 -27.57
C MET B 167 4.65 -33.47 -28.43
N ASP B 168 3.58 -32.91 -27.89
CA ASP B 168 2.81 -31.92 -28.63
C ASP B 168 3.54 -30.58 -28.71
N CYS B 169 4.64 -30.47 -27.98
CA CYS B 169 5.30 -29.18 -27.80
C CYS B 169 6.63 -29.07 -28.52
N ASP B 170 6.66 -28.26 -29.57
CA ASP B 170 7.84 -28.10 -30.40
C ASP B 170 8.94 -27.30 -29.71
N TRP B 171 8.60 -26.12 -29.18
CA TRP B 171 9.58 -25.19 -28.59
C TRP B 171 10.54 -25.82 -27.58
N LEU B 172 10.26 -27.05 -27.15
CA LEU B 172 11.16 -27.78 -26.25
C LEU B 172 12.33 -28.40 -27.03
N LYS B 173 12.39 -28.12 -28.32
CA LYS B 173 13.35 -28.75 -29.23
C LYS B 173 14.72 -28.08 -29.25
N LEU B 174 15.57 -28.54 -30.16
CA LEU B 174 16.85 -27.91 -30.43
C LEU B 174 17.15 -27.95 -31.93
N PRO B 182 15.11 -41.13 -27.73
CA PRO B 182 16.22 -41.39 -26.79
C PRO B 182 15.84 -41.04 -25.35
N PRO B 183 15.56 -42.05 -24.52
CA PRO B 183 15.04 -41.98 -23.15
C PRO B 183 15.55 -40.82 -22.29
N SER B 184 16.88 -40.62 -22.25
CA SER B 184 17.46 -39.58 -21.40
C SER B 184 17.00 -38.17 -21.76
N GLU B 185 16.67 -37.95 -23.03
CA GLU B 185 16.31 -36.62 -23.47
C GLU B 185 14.80 -36.36 -23.34
N LEU B 186 14.00 -37.41 -23.23
CA LEU B 186 12.57 -37.21 -22.97
C LEU B 186 12.40 -36.61 -21.58
N ALA B 187 13.18 -37.12 -20.64
CA ALA B 187 13.20 -36.60 -19.28
C ALA B 187 13.49 -35.10 -19.30
N TYR B 188 14.40 -34.70 -20.18
CA TYR B 188 14.76 -33.30 -20.34
C TYR B 188 13.56 -32.49 -20.82
N ARG B 189 12.92 -32.97 -21.89
CA ARG B 189 11.80 -32.28 -22.49
C ARG B 189 10.65 -32.13 -21.50
N THR B 190 10.59 -33.06 -20.55
CA THR B 190 9.53 -33.07 -19.55
C THR B 190 9.84 -32.08 -18.43
N ARG B 191 11.09 -32.06 -17.98
CA ARG B 191 11.50 -31.15 -16.93
C ARG B 191 11.34 -29.70 -17.39
N ILE B 192 11.87 -29.40 -18.58
CA ILE B 192 11.74 -28.07 -19.16
C ILE B 192 10.27 -27.63 -19.24
N LEU B 193 9.41 -28.57 -19.62
CA LEU B 193 7.99 -28.25 -19.71
C LEU B 193 7.38 -28.07 -18.32
N SER B 194 7.82 -28.89 -17.37
CA SER B 194 7.31 -28.77 -16.00
C SER B 194 7.68 -27.42 -15.43
N GLN B 195 8.89 -26.96 -15.74
CA GLN B 195 9.36 -25.69 -15.22
C GLN B 195 8.50 -24.55 -15.71
N PHE B 196 8.30 -24.49 -17.03
CA PHE B 196 7.50 -23.43 -17.63
C PHE B 196 6.06 -23.48 -17.14
N LEU B 197 5.53 -24.69 -17.05
CA LEU B 197 4.15 -24.87 -16.62
C LEU B 197 4.01 -24.55 -15.13
N THR B 198 5.08 -24.78 -14.37
CA THR B 198 5.08 -24.46 -12.94
C THR B 198 5.10 -22.96 -12.75
N TRP B 199 5.93 -22.26 -13.53
CA TRP B 199 5.89 -20.81 -13.51
C TRP B 199 4.51 -20.29 -13.88
N LEU B 200 3.91 -20.90 -14.91
CA LEU B 200 2.61 -20.46 -15.41
C LEU B 200 1.51 -20.52 -14.36
N LEU B 201 1.70 -21.33 -13.33
CA LEU B 201 0.73 -21.45 -12.24
C LEU B 201 1.18 -20.66 -11.02
N ASP B 202 2.30 -21.08 -10.44
CA ASP B 202 2.89 -20.41 -9.28
C ASP B 202 3.34 -18.96 -9.55
N GLY B 203 3.51 -18.60 -10.81
CA GLY B 203 4.04 -17.28 -11.12
C GLY B 203 3.01 -16.38 -11.76
N PHE B 204 2.44 -16.83 -12.87
CA PHE B 204 1.48 -16.03 -13.60
C PHE B 204 0.10 -16.02 -12.94
N VAL B 205 -0.47 -17.22 -12.76
CA VAL B 205 -1.80 -17.33 -12.18
C VAL B 205 -1.90 -16.76 -10.78
N VAL B 206 -1.07 -17.23 -9.83
CA VAL B 206 -1.18 -16.70 -8.47
C VAL B 206 -0.68 -15.27 -8.39
N GLY B 207 0.11 -14.85 -9.37
CA GLY B 207 0.49 -13.46 -9.48
C GLY B 207 -0.71 -12.62 -9.86
N LEU B 208 -1.48 -13.12 -10.81
CA LEU B 208 -2.68 -12.45 -11.27
C LEU B 208 -3.64 -12.16 -10.14
N VAL B 209 -4.05 -13.21 -9.42
CA VAL B 209 -5.08 -13.04 -8.39
C VAL B 209 -4.59 -12.31 -7.13
N ARG B 210 -3.33 -12.51 -6.75
CA ARG B 210 -2.72 -11.66 -5.72
C ARG B 210 -2.78 -10.19 -6.15
N ALA B 211 -2.82 -9.95 -7.45
CA ALA B 211 -2.77 -8.59 -7.95
C ALA B 211 -4.16 -7.98 -7.98
N CYS B 212 -5.13 -8.69 -8.54
CA CYS B 212 -6.43 -8.10 -8.81
C CYS B 212 -7.45 -8.36 -7.71
N PHE B 213 -7.09 -9.18 -6.73
CA PHE B 213 -8.05 -9.57 -5.71
C PHE B 213 -7.38 -9.73 -4.38
N TYR B 214 -7.96 -9.10 -3.36
CA TYR B 214 -7.67 -9.53 -1.99
C TYR B 214 -8.50 -10.78 -1.69
N ALA B 215 -7.86 -11.95 -1.74
CA ALA B 215 -8.56 -13.20 -1.47
C ALA B 215 -8.30 -13.68 -0.04
N THR B 216 -9.36 -14.09 0.64
CA THR B 216 -9.23 -14.60 2.00
C THR B 216 -10.02 -15.89 2.14
N GLU B 217 -9.72 -16.69 3.18
CA GLU B 217 -10.45 -17.95 3.37
C GLU B 217 -11.86 -17.68 3.89
N SER B 218 -12.82 -18.42 3.36
CA SER B 218 -14.23 -18.26 3.72
C SER B 218 -14.67 -19.30 4.74
N VAL B 219 -15.58 -18.90 5.62
CA VAL B 219 -16.14 -19.79 6.62
C VAL B 219 -17.45 -20.36 6.09
N GLY B 220 -18.09 -19.62 5.19
CA GLY B 220 -19.27 -20.11 4.50
C GLY B 220 -19.12 -21.51 3.94
N GLN B 221 -20.25 -22.19 3.74
CA GLN B 221 -20.28 -23.59 3.32
C GLN B 221 -19.93 -23.81 1.84
N LYS B 222 -20.48 -22.96 0.98
CA LYS B 222 -20.39 -23.16 -0.46
C LYS B 222 -18.98 -23.07 -1.03
N ASN B 223 -18.20 -22.08 -0.57
CA ASN B 223 -16.88 -21.83 -1.15
C ASN B 223 -15.73 -21.70 -0.16
N ALA B 224 -14.58 -22.25 -0.55
CA ALA B 224 -13.36 -22.20 0.25
C ALA B 224 -12.85 -20.78 0.43
N ILE B 225 -12.88 -20.01 -0.66
CA ILE B 225 -12.30 -18.66 -0.68
C ILE B 225 -13.32 -17.59 -1.01
N ARG B 226 -13.25 -16.47 -0.29
CA ARG B 226 -13.98 -15.26 -0.64
C ARG B 226 -13.04 -14.29 -1.40
N PHE B 227 -13.50 -13.75 -2.53
CA PHE B 227 -12.66 -12.87 -3.37
C PHE B 227 -13.10 -11.40 -3.40
N TYR B 228 -12.41 -10.53 -2.66
CA TYR B 228 -12.76 -9.12 -2.69
C TYR B 228 -11.88 -8.29 -3.61
N ARG B 229 -12.54 -7.40 -4.35
CA ARG B 229 -11.89 -6.37 -5.13
C ARG B 229 -11.34 -5.29 -4.19
N GLN B 230 -10.20 -4.71 -4.56
CA GLN B 230 -9.46 -3.78 -3.68
C GLN B 230 -10.29 -2.65 -3.04
N GLU B 231 -11.02 -1.90 -3.84
CA GLU B 231 -11.81 -0.78 -3.30
C GLU B 231 -12.77 -1.25 -2.22
N VAL B 232 -13.49 -2.33 -2.52
CA VAL B 232 -14.41 -2.89 -1.55
C VAL B 232 -13.64 -3.27 -0.29
N TRP B 233 -12.47 -3.88 -0.45
CA TRP B 233 -11.68 -4.27 0.72
C TRP B 233 -11.30 -3.06 1.57
N SER B 234 -10.93 -1.97 0.90
CA SER B 234 -10.65 -0.70 1.58
C SER B 234 -11.83 -0.19 2.42
N LYS B 235 -13.03 -0.19 1.85
CA LYS B 235 -14.21 0.24 2.58
C LYS B 235 -14.51 -0.63 3.80
N LEU B 236 -14.25 -1.93 3.68
CA LEU B 236 -14.42 -2.84 4.80
C LEU B 236 -13.38 -2.57 5.90
N GLN B 237 -12.17 -2.19 5.48
CA GLN B 237 -11.10 -1.81 6.41
C GLN B 237 -11.50 -0.59 7.22
N ASP B 238 -12.05 0.42 6.53
CA ASP B 238 -12.57 1.61 7.20
C ASP B 238 -13.60 1.24 8.28
N LEU B 239 -14.56 0.40 7.92
CA LEU B 239 -15.59 -0.01 8.87
C LEU B 239 -15.03 -0.81 10.03
N ALA B 240 -14.06 -1.66 9.72
CA ALA B 240 -13.47 -2.56 10.71
C ALA B 240 -12.61 -1.82 11.76
N PHE B 241 -11.88 -0.79 11.34
CA PHE B 241 -10.90 -0.17 12.23
C PHE B 241 -11.24 1.22 12.77
N ARG B 242 -12.49 1.62 12.61
CA ARG B 242 -12.91 2.94 13.03
C ARG B 242 -12.80 3.15 14.54
N ARG B 243 -12.58 4.40 14.94
CA ARG B 243 -12.61 4.83 16.35
C ARG B 243 -14.02 4.58 16.85
N HIS B 244 -14.15 4.06 18.05
CA HIS B 244 -15.46 3.87 18.63
C HIS B 244 -15.98 5.15 19.24
N ILE B 245 -17.04 5.72 18.64
CA ILE B 245 -17.68 6.89 19.22
C ILE B 245 -18.39 6.52 20.53
N ALA B 246 -17.89 7.04 21.65
CA ALA B 246 -18.53 6.82 22.95
C ALA B 246 -19.79 7.67 23.16
N LYS B 247 -20.38 7.57 24.34
CA LYS B 247 -21.53 8.40 24.70
C LYS B 247 -21.18 9.91 24.71
N GLY B 248 -21.76 10.67 23.79
CA GLY B 248 -21.43 12.09 23.61
C GLY B 248 -20.88 12.41 22.22
N GLU B 249 -21.52 13.33 21.53
CA GLU B 249 -21.03 13.80 20.22
C GLU B 249 -20.01 14.93 20.36
#